data_8EGF
#
_entry.id   8EGF
#
_cell.length_a   111.401
_cell.length_b   111.401
_cell.length_c   140.547
_cell.angle_alpha   90.000
_cell.angle_beta   90.000
_cell.angle_gamma   120.000
#
_symmetry.space_group_name_H-M   'P 64 2 2'
#
loop_
_entity.id
_entity.type
_entity.pdbx_description
1 polymer '[3-methyl-2-oxobutanoate dehydrogenase [lipoamide]] kinase, mitochondrial'
2 non-polymer "ADENOSINE-5'-DIPHOSPHATE"
3 non-polymer 'POTASSIUM ION'
4 non-polymer 'SULFATE ION'
5 non-polymer "(5P)-5-(4'-methyl[1,1'-biphenyl]-2-yl)-1H-tetrazole"
6 water water
#
_entity_poly.entity_id   1
_entity_poly.type   'polypeptide(L)'
_entity_poly.pdbx_seq_one_letter_code
;STSATDTHHVELARERSKTVTSFYNQSAIDVVAEKPSVRLTPTMMLYSGRSQDGSHLLKSGRYLQQELPVRIAHRIKGFR
SLPFIIGCNPTILHVHELYIRAFQKLTDFPPIKDQADEAQYCQLVRQLLDDHKDVVTLLAEGLRESRKHIEDEKLVRYFL
DKTLTSRLGIRMLATHHLALHEDKPDFVGIICTRLSPKKIIEKWVDFARRLCEHKYGNAPRVRINGHVAARFPFIPMPLD
YILPELLKNAMRATMESHLDTPYNVPDVVITIANNDVDLIIRISDRGGGIAHKDLDRVMDYHFTTAEASTQDPRISPLFG
HLDMHSGGQSGPMHGFGFGLPTSRAYAEYLGGSLQLQSLQGIGTDVYLRLRHIDGREESFRIHHHHHH
;
_entity_poly.pdbx_strand_id   A
#
# COMPACT_ATOMS: atom_id res chain seq x y z
N ASN A 25 -2.37 -28.65 10.64
CA ASN A 25 -3.43 -27.69 10.29
C ASN A 25 -4.35 -28.21 9.15
N GLN A 26 -4.84 -27.33 8.21
CA GLN A 26 -5.76 -27.75 7.12
C GLN A 26 -5.07 -28.12 5.81
N SER A 27 -5.47 -29.27 5.21
CA SER A 27 -4.84 -29.77 3.99
C SER A 27 -5.14 -28.93 2.73
N ALA A 28 -6.33 -28.26 2.63
CA ALA A 28 -6.65 -27.40 1.47
C ALA A 28 -5.63 -26.27 1.38
N ILE A 29 -5.26 -25.67 2.53
CA ILE A 29 -4.23 -24.62 2.64
C ILE A 29 -2.86 -25.15 2.13
N ASP A 30 -2.46 -26.36 2.57
CA ASP A 30 -1.22 -27.03 2.15
C ASP A 30 -1.07 -27.17 0.62
N VAL A 31 -2.18 -27.47 -0.09
CA VAL A 31 -2.22 -27.68 -1.54
C VAL A 31 -1.72 -26.44 -2.35
N VAL A 32 -2.05 -25.21 -1.92
CA VAL A 32 -1.67 -23.98 -2.63
C VAL A 32 -0.63 -23.07 -1.93
N ALA A 33 -0.18 -23.45 -0.71
CA ALA A 33 0.79 -22.63 0.05
C ALA A 33 2.10 -22.37 -0.71
N GLU A 34 2.51 -23.33 -1.59
CA GLU A 34 3.74 -23.27 -2.40
C GLU A 34 3.47 -22.90 -3.87
N LYS A 35 2.19 -22.91 -4.31
CA LYS A 35 1.77 -22.57 -5.68
C LYS A 35 2.16 -21.12 -6.02
N PRO A 36 2.98 -20.90 -7.08
CA PRO A 36 3.38 -19.51 -7.41
C PRO A 36 2.20 -18.63 -7.77
N SER A 37 2.21 -17.38 -7.31
CA SER A 37 1.19 -16.39 -7.61
C SER A 37 1.18 -16.13 -9.10
N VAL A 38 0.00 -15.79 -9.65
CA VAL A 38 -0.11 -15.40 -11.06
C VAL A 38 -0.66 -13.97 -11.07
N ARG A 39 0.12 -13.07 -11.67
CA ARG A 39 -0.22 -11.65 -11.74
C ARG A 39 -0.56 -11.21 -13.12
N LEU A 40 -1.63 -10.44 -13.25
CA LEU A 40 -2.00 -9.84 -14.53
C LEU A 40 -1.18 -8.55 -14.59
N THR A 41 -0.44 -8.34 -15.69
CA THR A 41 0.40 -7.16 -15.92
C THR A 41 -0.52 -5.93 -16.07
N PRO A 42 -0.20 -4.71 -15.53
CA PRO A 42 -1.10 -3.56 -15.70
C PRO A 42 -1.50 -3.28 -17.16
N THR A 43 -0.57 -3.56 -18.11
CA THR A 43 -0.76 -3.44 -19.55
C THR A 43 -1.88 -4.38 -20.04
N MET A 44 -1.90 -5.64 -19.54
CA MET A 44 -2.92 -6.67 -19.84
C MET A 44 -4.30 -6.25 -19.30
N MET A 45 -4.31 -5.50 -18.20
CA MET A 45 -5.53 -5.03 -17.53
C MET A 45 -6.22 -3.88 -18.26
N LEU A 46 -5.44 -3.01 -18.94
CA LEU A 46 -5.97 -1.89 -19.74
C LEU A 46 -6.49 -2.43 -21.08
N TYR A 47 -5.85 -3.51 -21.56
CA TYR A 47 -6.10 -4.27 -22.79
C TYR A 47 -7.53 -4.86 -22.78
N SER A 48 -8.01 -5.33 -21.60
CA SER A 48 -9.33 -5.93 -21.43
C SER A 48 -10.48 -4.92 -21.39
N GLY A 49 -10.26 -3.78 -20.72
CA GLY A 49 -11.24 -2.71 -20.59
C GLY A 49 -11.47 -1.94 -21.87
N ASP A 53 -17.52 -4.58 -19.35
CA ASP A 53 -17.40 -5.69 -20.30
C ASP A 53 -18.12 -6.95 -19.81
N GLY A 54 -18.64 -7.75 -20.75
CA GLY A 54 -19.39 -8.96 -20.45
C GLY A 54 -18.57 -10.24 -20.41
N SER A 55 -18.04 -10.64 -21.59
CA SER A 55 -17.24 -11.86 -21.77
C SER A 55 -15.86 -11.80 -21.12
N HIS A 56 -15.20 -10.61 -21.14
CA HIS A 56 -13.87 -10.40 -20.55
C HIS A 56 -13.92 -10.47 -19.02
N LEU A 57 -15.01 -9.95 -18.40
CA LEU A 57 -15.25 -9.96 -16.96
C LEU A 57 -15.29 -11.38 -16.42
N LEU A 58 -15.85 -12.33 -17.22
CA LEU A 58 -15.95 -13.75 -16.88
C LEU A 58 -14.56 -14.37 -16.76
N LYS A 59 -13.66 -14.08 -17.72
CA LYS A 59 -12.27 -14.56 -17.78
C LYS A 59 -11.46 -14.05 -16.56
N SER A 60 -11.56 -12.73 -16.25
CA SER A 60 -10.89 -12.09 -15.10
C SER A 60 -11.51 -12.55 -13.76
N GLY A 61 -12.81 -12.83 -13.79
CA GLY A 61 -13.57 -13.32 -12.65
C GLY A 61 -13.11 -14.69 -12.20
N ARG A 62 -12.95 -15.63 -13.18
CA ARG A 62 -12.46 -17.00 -12.94
C ARG A 62 -11.03 -16.93 -12.41
N TYR A 63 -10.21 -16.04 -13.00
CA TYR A 63 -8.84 -15.80 -12.60
C TYR A 63 -8.76 -15.36 -11.12
N LEU A 64 -9.59 -14.35 -10.72
CA LEU A 64 -9.66 -13.79 -9.36
C LEU A 64 -9.98 -14.88 -8.38
N GLN A 65 -10.85 -15.79 -8.78
CA GLN A 65 -11.30 -16.92 -8.00
C GLN A 65 -10.20 -17.93 -7.77
N GLN A 66 -9.37 -18.17 -8.77
CA GLN A 66 -8.27 -19.12 -8.60
C GLN A 66 -7.15 -18.47 -7.78
N GLU A 67 -6.97 -17.15 -7.94
CA GLU A 67 -5.88 -16.39 -7.34
C GLU A 67 -5.99 -16.02 -5.86
N LEU A 68 -7.13 -15.41 -5.41
CA LEU A 68 -7.26 -14.91 -4.02
C LEU A 68 -6.95 -15.99 -2.93
N PRO A 69 -7.44 -17.26 -3.04
CA PRO A 69 -7.09 -18.27 -2.01
C PRO A 69 -5.59 -18.53 -1.95
N VAL A 70 -4.90 -18.45 -3.11
CA VAL A 70 -3.44 -18.64 -3.21
C VAL A 70 -2.71 -17.51 -2.42
N ARG A 71 -3.13 -16.24 -2.60
CA ARG A 71 -2.56 -15.10 -1.88
C ARG A 71 -2.73 -15.25 -0.39
N ILE A 72 -3.94 -15.66 0.05
CA ILE A 72 -4.24 -15.90 1.48
C ILE A 72 -3.40 -17.07 2.02
N ALA A 73 -3.27 -18.17 1.24
CA ALA A 73 -2.48 -19.34 1.63
C ALA A 73 -1.01 -18.95 1.85
N HIS A 74 -0.46 -18.07 0.98
CA HIS A 74 0.90 -17.54 1.11
C HIS A 74 1.08 -16.83 2.45
N ARG A 75 0.10 -16.03 2.86
CA ARG A 75 0.16 -15.31 4.14
C ARG A 75 0.10 -16.31 5.33
N ILE A 76 -0.77 -17.36 5.22
CA ILE A 76 -0.89 -18.40 6.24
C ILE A 76 0.46 -19.11 6.41
N LYS A 77 1.15 -19.38 5.29
CA LYS A 77 2.47 -20.01 5.27
C LYS A 77 3.51 -19.12 6.04
N GLY A 78 3.36 -17.79 5.96
CA GLY A 78 4.17 -16.81 6.67
C GLY A 78 4.08 -16.99 8.18
N PHE A 79 2.83 -17.15 8.69
CA PHE A 79 2.53 -17.40 10.10
C PHE A 79 3.05 -18.76 10.57
N ARG A 80 2.90 -19.79 9.70
CA ARG A 80 3.35 -21.15 9.99
C ARG A 80 4.88 -21.21 10.13
N SER A 81 5.57 -20.31 9.41
CA SER A 81 7.03 -20.20 9.34
C SER A 81 7.64 -19.31 10.41
N LEU A 82 6.82 -18.52 11.13
CA LEU A 82 7.36 -17.68 12.21
C LEU A 82 8.00 -18.58 13.27
N PRO A 83 9.04 -18.12 14.00
CA PRO A 83 9.53 -18.93 15.14
C PRO A 83 8.33 -19.19 16.07
N PHE A 84 8.24 -20.42 16.63
CA PHE A 84 7.16 -20.81 17.52
C PHE A 84 6.77 -19.77 18.59
N ILE A 85 7.78 -19.25 19.35
CA ILE A 85 7.55 -18.27 20.43
C ILE A 85 6.79 -17.01 19.91
N ILE A 86 7.06 -16.57 18.67
CA ILE A 86 6.40 -15.42 18.05
C ILE A 86 4.99 -15.77 17.55
N GLY A 87 4.86 -16.91 16.87
CA GLY A 87 3.59 -17.40 16.35
C GLY A 87 2.52 -17.66 17.40
N CYS A 88 2.95 -17.88 18.66
N CYS A 88 2.95 -17.97 18.65
CA CYS A 88 2.09 -18.09 19.82
CA CYS A 88 2.00 -18.22 19.73
C CYS A 88 1.50 -16.86 20.40
C CYS A 88 1.61 -16.92 20.52
N ASN A 89 2.07 -15.71 20.05
CA ASN A 89 1.59 -14.45 20.61
C ASN A 89 0.05 -14.41 20.32
N PRO A 90 -0.82 -14.22 21.35
CA PRO A 90 -2.28 -14.31 21.13
C PRO A 90 -2.81 -13.40 20.01
N THR A 91 -2.20 -12.23 19.80
CA THR A 91 -2.59 -11.31 18.73
C THR A 91 -2.15 -11.87 17.35
N ILE A 92 -0.89 -12.35 17.25
CA ILE A 92 -0.36 -12.99 16.05
C ILE A 92 -1.27 -14.19 15.67
N LEU A 93 -1.58 -15.06 16.67
CA LEU A 93 -2.45 -16.23 16.56
C LEU A 93 -3.84 -15.82 16.05
N HIS A 94 -4.40 -14.74 16.60
CA HIS A 94 -5.70 -14.23 16.20
C HIS A 94 -5.71 -13.82 14.72
N VAL A 95 -4.64 -13.11 14.25
CA VAL A 95 -4.48 -12.69 12.85
C VAL A 95 -4.31 -13.94 11.95
N HIS A 96 -3.50 -14.92 12.41
CA HIS A 96 -3.30 -16.21 11.72
C HIS A 96 -4.70 -16.87 11.51
N GLU A 97 -5.54 -16.93 12.56
CA GLU A 97 -6.92 -17.44 12.53
C GLU A 97 -7.79 -16.68 11.50
N LEU A 98 -7.70 -15.32 11.47
CA LEU A 98 -8.47 -14.48 10.53
C LEU A 98 -8.16 -14.88 9.08
N TYR A 99 -6.87 -15.09 8.77
CA TYR A 99 -6.44 -15.58 7.47
C TYR A 99 -7.03 -16.96 7.15
N ILE A 100 -7.01 -17.89 8.13
CA ILE A 100 -7.58 -19.25 7.97
C ILE A 100 -9.07 -19.18 7.61
N ARG A 101 -9.85 -18.38 8.36
CA ARG A 101 -11.30 -18.16 8.14
C ARG A 101 -11.58 -17.51 6.79
N ALA A 102 -10.69 -16.59 6.35
CA ALA A 102 -10.81 -15.90 5.06
C ALA A 102 -10.62 -16.90 3.91
N PHE A 103 -9.58 -17.78 4.01
CA PHE A 103 -9.31 -18.82 3.02
C PHE A 103 -10.52 -19.75 2.84
N GLN A 104 -11.11 -20.20 3.97
CA GLN A 104 -12.25 -21.12 3.99
C GLN A 104 -13.43 -20.52 3.21
N LYS A 105 -13.77 -19.23 3.49
CA LYS A 105 -14.86 -18.51 2.81
C LYS A 105 -14.64 -18.38 1.29
N LEU A 106 -13.39 -18.13 0.86
CA LEU A 106 -13.03 -17.99 -0.55
C LEU A 106 -13.10 -19.32 -1.30
N THR A 107 -12.68 -20.42 -0.66
CA THR A 107 -12.72 -21.72 -1.31
C THR A 107 -14.09 -22.39 -1.22
N ASP A 108 -14.97 -21.92 -0.30
CA ASP A 108 -16.32 -22.46 -0.09
C ASP A 108 -17.24 -22.15 -1.25
N PHE A 109 -16.98 -21.01 -1.92
CA PHE A 109 -17.75 -20.54 -3.05
C PHE A 109 -17.55 -21.44 -4.28
N PRO A 110 -18.67 -21.91 -4.91
CA PRO A 110 -18.55 -22.80 -6.08
C PRO A 110 -17.94 -22.07 -7.30
N PRO A 111 -17.44 -22.75 -8.37
N PRO A 111 -17.22 -22.80 -8.20
CA PRO A 111 -16.94 -22.00 -9.53
CA PRO A 111 -16.54 -22.12 -9.34
C PRO A 111 -18.01 -21.08 -10.14
C PRO A 111 -17.45 -21.40 -10.33
N ILE A 112 -17.68 -19.80 -10.38
N ILE A 112 -16.85 -20.48 -11.11
CA ILE A 112 -18.60 -18.80 -10.91
CA ILE A 112 -17.55 -19.67 -12.11
C ILE A 112 -19.04 -19.17 -12.34
C ILE A 112 -17.71 -20.44 -13.43
N LYS A 113 -20.35 -19.41 -12.51
N LYS A 113 -18.96 -20.49 -13.95
CA LYS A 113 -20.94 -19.79 -13.81
CA LYS A 113 -19.31 -21.16 -15.21
C LYS A 113 -21.60 -18.57 -14.45
C LYS A 113 -19.84 -20.15 -16.23
N ASP A 114 -22.58 -17.96 -13.73
N ASP A 114 -20.48 -19.07 -15.74
CA ASP A 114 -23.32 -16.79 -14.19
CA ASP A 114 -21.08 -18.01 -16.56
C ASP A 114 -22.99 -15.54 -13.36
C ASP A 114 -21.02 -16.62 -15.89
N GLN A 115 -23.21 -14.35 -13.95
N GLN A 115 -21.61 -15.60 -16.55
CA GLN A 115 -22.93 -13.05 -13.35
CA GLN A 115 -21.67 -14.20 -16.09
C GLN A 115 -23.76 -12.74 -12.07
C GLN A 115 -22.31 -14.02 -14.71
N ALA A 116 -24.83 -13.51 -11.82
N ALA A 116 -23.33 -14.83 -14.38
CA ALA A 116 -25.68 -13.38 -10.62
CA ALA A 116 -24.06 -14.81 -13.12
C ALA A 116 -24.92 -13.84 -9.37
C ALA A 116 -23.15 -15.17 -11.94
N ASP A 117 -24.05 -14.87 -9.53
N ASP A 117 -22.49 -16.36 -12.00
CA ASP A 117 -23.21 -15.44 -8.46
CA ASP A 117 -21.55 -16.82 -10.96
C ASP A 117 -22.04 -14.50 -8.17
C ASP A 117 -20.41 -15.83 -10.74
N GLU A 118 -21.52 -13.86 -9.23
N GLU A 118 -19.94 -15.20 -11.82
CA GLU A 118 -20.41 -12.92 -9.17
CA GLU A 118 -18.87 -14.21 -11.79
C GLU A 118 -20.79 -11.71 -8.31
C GLU A 118 -19.31 -13.00 -10.95
N ALA A 119 -22.07 -11.30 -8.33
N ALA A 119 -20.56 -12.52 -11.15
CA ALA A 119 -22.60 -10.19 -7.52
CA ALA A 119 -21.12 -11.39 -10.39
C ALA A 119 -22.52 -10.57 -6.03
C ALA A 119 -21.34 -11.77 -8.92
N GLN A 120 -22.81 -11.85 -5.71
N GLN A 120 -21.74 -13.02 -8.66
CA GLN A 120 -22.77 -12.43 -4.37
CA GLN A 120 -21.96 -13.53 -7.30
C GLN A 120 -21.31 -12.59 -3.95
C GLN A 120 -20.65 -13.60 -6.53
N TYR A 121 -20.43 -12.97 -4.91
N TYR A 121 -19.55 -14.00 -7.21
CA TYR A 121 -19.00 -13.14 -4.66
CA TYR A 121 -18.20 -14.08 -6.65
C TYR A 121 -18.37 -11.78 -4.43
C TYR A 121 -17.66 -12.70 -6.21
N CYS A 122 -18.84 -10.72 -5.12
N CYS A 122 -18.05 -11.61 -6.90
CA CYS A 122 -18.35 -9.37 -4.92
CA CYS A 122 -17.65 -10.23 -6.59
C CYS A 122 -18.73 -8.88 -3.52
C CYS A 122 -18.07 -9.79 -5.17
N GLN A 123 -19.91 -9.30 -3.01
N GLN A 123 -19.23 -10.28 -4.69
CA GLN A 123 -20.38 -9.02 -1.66
CA GLN A 123 -19.84 -9.92 -3.40
C GLN A 123 -19.40 -9.64 -0.64
C GLN A 123 -19.06 -10.35 -2.15
N LEU A 124 -18.85 -10.87 -0.94
N LEU A 124 -18.55 -11.59 -2.10
CA LEU A 124 -17.87 -11.50 -0.07
CA LEU A 124 -17.81 -12.13 -0.94
C LEU A 124 -16.47 -10.92 -0.30
C LEU A 124 -16.40 -11.53 -0.73
N VAL A 125 -16.05 -10.54 -1.55
CA VAL A 125 -14.76 -9.84 -1.72
C VAL A 125 -14.81 -8.49 -0.99
N ARG A 126 -15.98 -7.80 -1.04
CA ARG A 126 -16.21 -6.52 -0.34
C ARG A 126 -16.14 -6.75 1.16
N GLN A 127 -16.69 -7.90 1.62
CA GLN A 127 -16.66 -8.32 3.04
C GLN A 127 -15.21 -8.64 3.45
N LEU A 128 -14.43 -9.34 2.57
CA LEU A 128 -13.01 -9.65 2.81
C LEU A 128 -12.25 -8.33 2.95
N LEU A 129 -12.48 -7.40 2.01
CA LEU A 129 -11.84 -6.08 1.97
C LEU A 129 -12.26 -5.14 3.10
N ASP A 130 -13.50 -5.26 3.64
CA ASP A 130 -14.01 -4.35 4.68
C ASP A 130 -13.91 -4.85 6.13
N ASP A 131 -14.16 -6.14 6.38
CA ASP A 131 -14.21 -6.73 7.73
C ASP A 131 -12.92 -6.66 8.55
N HIS A 132 -11.74 -6.84 7.93
CA HIS A 132 -10.51 -6.84 8.72
C HIS A 132 -9.41 -6.00 8.08
N LYS A 133 -9.70 -4.69 7.95
CA LYS A 133 -8.81 -3.67 7.39
C LYS A 133 -7.72 -3.31 8.40
N ASP A 134 -7.93 -3.63 9.70
CA ASP A 134 -7.00 -3.33 10.80
C ASP A 134 -5.96 -4.46 11.10
N VAL A 135 -5.83 -5.45 10.19
CA VAL A 135 -4.89 -6.59 10.36
C VAL A 135 -3.45 -6.10 10.62
N VAL A 136 -2.97 -5.13 9.81
CA VAL A 136 -1.63 -4.55 9.91
C VAL A 136 -1.37 -4.00 11.32
N THR A 137 -2.33 -3.24 11.88
CA THR A 137 -2.30 -2.66 13.22
C THR A 137 -2.16 -3.78 14.27
N LEU A 138 -3.00 -4.81 14.16
CA LEU A 138 -2.97 -5.97 15.05
C LEU A 138 -1.59 -6.66 15.00
N LEU A 139 -1.04 -6.88 13.79
CA LEU A 139 0.27 -7.53 13.62
C LEU A 139 1.39 -6.74 14.29
N ALA A 140 1.38 -5.41 14.09
CA ALA A 140 2.31 -4.45 14.68
C ALA A 140 2.28 -4.55 16.21
N GLU A 141 1.07 -4.64 16.81
CA GLU A 141 0.87 -4.83 18.25
C GLU A 141 1.44 -6.18 18.71
N GLY A 142 1.13 -7.24 17.98
CA GLY A 142 1.62 -8.59 18.27
C GLY A 142 3.12 -8.69 18.25
N LEU A 143 3.77 -8.12 17.22
CA LEU A 143 5.22 -8.14 17.08
C LEU A 143 5.90 -7.26 18.14
N ARG A 144 5.22 -6.18 18.60
CA ARG A 144 5.71 -5.28 19.64
C ARG A 144 5.71 -6.04 20.98
N GLU A 145 4.61 -6.74 21.31
CA GLU A 145 4.47 -7.56 22.51
C GLU A 145 5.50 -8.69 22.56
N SER A 146 6.03 -9.11 21.39
CA SER A 146 6.99 -10.22 21.22
C SER A 146 8.45 -9.78 21.05
N ARG A 147 8.75 -8.45 21.15
CA ARG A 147 10.08 -7.87 20.93
C ARG A 147 11.23 -8.55 21.72
N LYS A 148 11.00 -8.91 22.99
CA LYS A 148 11.99 -9.57 23.84
C LYS A 148 12.48 -10.91 23.27
N HIS A 149 11.62 -11.60 22.50
CA HIS A 149 11.96 -12.90 21.89
C HIS A 149 12.42 -12.76 20.44
N ILE A 150 12.50 -11.52 19.94
CA ILE A 150 12.98 -11.23 18.58
C ILE A 150 14.39 -10.67 18.72
N GLU A 151 15.41 -11.45 18.30
CA GLU A 151 16.80 -11.02 18.36
C GLU A 151 17.17 -10.15 17.16
N ASP A 152 16.55 -10.44 15.99
CA ASP A 152 16.81 -9.75 14.74
C ASP A 152 15.72 -8.76 14.31
N GLU A 153 16.10 -7.47 14.13
CA GLU A 153 15.23 -6.40 13.63
C GLU A 153 14.85 -6.71 12.15
N LYS A 154 15.72 -7.52 11.50
CA LYS A 154 15.60 -8.03 10.12
C LYS A 154 14.36 -8.91 10.01
N LEU A 155 14.05 -9.76 11.03
CA LEU A 155 12.86 -10.62 11.03
C LEU A 155 11.56 -9.81 10.92
N VAL A 156 11.44 -8.72 11.71
CA VAL A 156 10.29 -7.82 11.73
C VAL A 156 10.15 -7.08 10.40
N ARG A 157 11.28 -6.51 9.90
CA ARG A 157 11.27 -5.79 8.62
C ARG A 157 10.85 -6.73 7.49
N TYR A 158 11.43 -7.95 7.48
CA TYR A 158 11.13 -8.93 6.44
C TYR A 158 9.69 -9.39 6.50
N PHE A 159 9.15 -9.69 7.70
CA PHE A 159 7.77 -10.13 7.89
C PHE A 159 6.78 -9.04 7.49
N LEU A 160 6.98 -7.82 8.00
CA LEU A 160 6.09 -6.70 7.70
C LEU A 160 6.18 -6.24 6.27
N ASP A 161 7.38 -6.25 5.64
CA ASP A 161 7.49 -5.88 4.21
C ASP A 161 6.64 -6.85 3.41
N LYS A 162 6.78 -8.15 3.69
CA LYS A 162 5.99 -9.17 2.98
C LYS A 162 4.49 -8.99 3.24
N THR A 163 4.10 -8.75 4.51
CA THR A 163 2.69 -8.54 4.88
C THR A 163 2.08 -7.34 4.12
N LEU A 164 2.77 -6.21 4.16
CA LEU A 164 2.28 -4.98 3.54
C LEU A 164 2.21 -5.06 2.01
N THR A 165 3.22 -5.67 1.36
CA THR A 165 3.21 -5.80 -0.09
C THR A 165 2.17 -6.80 -0.58
N SER A 166 2.03 -7.93 0.13
CA SER A 166 1.04 -8.94 -0.26
C SER A 166 -0.37 -8.40 -0.04
N ARG A 167 -0.60 -7.62 1.03
CA ARG A 167 -1.93 -7.06 1.29
C ARG A 167 -2.27 -5.99 0.26
N LEU A 168 -1.23 -5.26 -0.24
CA LEU A 168 -1.40 -4.25 -1.30
C LEU A 168 -1.77 -4.98 -2.60
N GLY A 169 -1.08 -6.10 -2.89
CA GLY A 169 -1.36 -6.91 -4.06
C GLY A 169 -2.79 -7.46 -4.07
N ILE A 170 -3.26 -7.98 -2.90
CA ILE A 170 -4.63 -8.50 -2.67
C ILE A 170 -5.63 -7.35 -2.89
N ARG A 171 -5.37 -6.19 -2.26
CA ARG A 171 -6.21 -5.00 -2.41
C ARG A 171 -6.28 -4.55 -3.86
N MET A 172 -5.14 -4.48 -4.58
CA MET A 172 -5.16 -4.06 -5.99
C MET A 172 -5.94 -5.03 -6.89
N LEU A 173 -5.70 -6.34 -6.68
CA LEU A 173 -6.33 -7.47 -7.39
C LEU A 173 -7.85 -7.38 -7.28
N ALA A 174 -8.35 -7.32 -6.04
CA ALA A 174 -9.76 -7.27 -5.70
C ALA A 174 -10.44 -5.96 -6.09
N THR A 175 -9.85 -4.80 -5.70
CA THR A 175 -10.43 -3.48 -6.01
C THR A 175 -10.50 -3.24 -7.53
N HIS A 176 -9.51 -3.74 -8.31
CA HIS A 176 -9.52 -3.56 -9.76
C HIS A 176 -10.68 -4.32 -10.39
N HIS A 177 -10.89 -5.58 -9.96
CA HIS A 177 -11.98 -6.39 -10.47
C HIS A 177 -13.35 -5.77 -10.14
N LEU A 178 -13.54 -5.29 -8.89
CA LEU A 178 -14.77 -4.61 -8.45
C LEU A 178 -15.03 -3.31 -9.22
N ALA A 179 -13.96 -2.55 -9.52
CA ALA A 179 -14.08 -1.26 -10.22
C ALA A 179 -14.36 -1.40 -11.73
N LEU A 180 -14.03 -2.57 -12.31
CA LEU A 180 -14.27 -2.90 -13.72
C LEU A 180 -15.81 -2.94 -14.01
N HIS A 181 -16.63 -3.00 -12.94
CA HIS A 181 -18.09 -2.98 -13.00
C HIS A 181 -18.55 -1.57 -13.31
N GLU A 182 -17.86 -0.57 -12.69
CA GLU A 182 -18.14 0.86 -12.80
C GLU A 182 -17.69 1.48 -14.12
N ASP A 183 -18.29 2.61 -14.48
CA ASP A 183 -17.97 3.38 -15.68
C ASP A 183 -17.57 4.77 -15.20
N LYS A 184 -16.40 4.83 -14.54
CA LYS A 184 -15.83 6.07 -14.03
C LYS A 184 -14.95 6.68 -15.12
N PRO A 185 -15.06 8.01 -15.41
CA PRO A 185 -14.22 8.60 -16.47
C PRO A 185 -12.75 8.60 -16.11
N ASP A 186 -11.91 8.38 -17.14
CA ASP A 186 -10.44 8.34 -17.09
C ASP A 186 -9.92 7.12 -16.34
N PHE A 187 -10.77 6.12 -16.10
CA PHE A 187 -10.36 4.90 -15.39
C PHE A 187 -10.80 3.61 -16.07
N VAL A 188 -9.94 2.58 -15.96
CA VAL A 188 -10.18 1.20 -16.36
C VAL A 188 -9.87 0.48 -15.05
N GLY A 189 -10.94 0.20 -14.29
CA GLY A 189 -10.82 -0.39 -12.97
C GLY A 189 -10.15 0.61 -12.04
N ILE A 190 -8.99 0.25 -11.47
CA ILE A 190 -8.21 1.14 -10.57
C ILE A 190 -7.10 1.91 -11.33
N ILE A 191 -6.95 1.64 -12.64
CA ILE A 191 -5.94 2.25 -13.47
C ILE A 191 -6.47 3.53 -14.07
N CYS A 192 -5.85 4.66 -13.71
CA CYS A 192 -6.23 5.93 -14.29
C CYS A 192 -5.49 6.00 -15.64
N THR A 193 -6.22 6.25 -16.72
CA THR A 193 -5.66 6.30 -18.08
C THR A 193 -4.85 7.59 -18.35
N ARG A 194 -5.08 8.64 -17.54
CA ARG A 194 -4.40 9.93 -17.70
C ARG A 194 -4.14 10.64 -16.37
N LEU A 195 -3.46 9.94 -15.44
CA LEU A 195 -3.12 10.50 -14.13
C LEU A 195 -2.12 11.67 -14.24
N SER A 196 -2.43 12.79 -13.58
CA SER A 196 -1.53 13.93 -13.51
C SER A 196 -0.81 13.88 -12.15
N PRO A 197 0.52 13.61 -12.10
CA PRO A 197 1.24 13.65 -10.81
C PRO A 197 1.06 14.99 -10.10
N LYS A 198 1.08 16.12 -10.84
CA LYS A 198 0.88 17.44 -10.25
C LYS A 198 -0.46 17.48 -9.47
N LYS A 199 -1.56 17.01 -10.08
CA LYS A 199 -2.91 16.99 -9.47
C LYS A 199 -2.99 16.15 -8.22
N ILE A 200 -2.44 14.93 -8.27
CA ILE A 200 -2.51 14.07 -7.09
C ILE A 200 -1.61 14.63 -5.94
N ILE A 201 -0.44 15.21 -6.28
CA ILE A 201 0.45 15.84 -5.29
C ILE A 201 -0.32 17.03 -4.66
N GLU A 202 -0.89 17.91 -5.49
CA GLU A 202 -1.68 19.06 -5.00
C GLU A 202 -2.80 18.65 -4.04
N LYS A 203 -3.51 17.54 -4.34
CA LYS A 203 -4.59 17.04 -3.50
C LYS A 203 -4.05 16.71 -2.10
N TRP A 204 -2.92 16.03 -2.05
CA TRP A 204 -2.33 15.65 -0.78
C TRP A 204 -1.61 16.84 -0.10
N VAL A 205 -1.12 17.83 -0.87
CA VAL A 205 -0.50 19.06 -0.31
C VAL A 205 -1.55 19.79 0.52
N ASP A 206 -2.77 19.97 -0.05
CA ASP A 206 -3.89 20.65 0.60
C ASP A 206 -4.31 19.94 1.88
N PHE A 207 -4.37 18.60 1.86
CA PHE A 207 -4.67 17.78 3.02
C PHE A 207 -3.60 17.97 4.14
N ALA A 208 -2.32 17.77 3.80
CA ALA A 208 -1.17 17.89 4.71
C ALA A 208 -1.03 19.33 5.28
N ARG A 209 -1.19 20.36 4.45
CA ARG A 209 -1.11 21.75 4.88
C ARG A 209 -2.14 22.10 5.95
N ARG A 210 -3.41 21.64 5.78
CA ARG A 210 -4.51 21.90 6.72
C ARG A 210 -4.22 21.28 8.09
N LEU A 211 -3.67 20.06 8.10
CA LEU A 211 -3.28 19.33 9.30
C LEU A 211 -2.09 19.98 9.98
N CYS A 212 -1.08 20.39 9.17
CA CYS A 212 0.11 21.08 9.64
C CYS A 212 -0.25 22.45 10.27
N GLU A 213 -1.17 23.20 9.63
CA GLU A 213 -1.65 24.49 10.16
C GLU A 213 -2.35 24.30 11.51
N HIS A 214 -3.10 23.20 11.69
CA HIS A 214 -3.80 22.90 12.93
C HIS A 214 -2.81 22.64 14.09
N LYS A 215 -1.71 21.91 13.84
CA LYS A 215 -0.70 21.63 14.86
C LYS A 215 0.19 22.85 15.24
N TYR A 216 0.69 23.60 14.25
CA TYR A 216 1.67 24.68 14.44
C TYR A 216 1.17 26.11 14.25
N GLY A 217 0.01 26.26 13.61
CA GLY A 217 -0.54 27.58 13.30
C GLY A 217 -0.04 28.12 11.97
N ASN A 218 0.72 27.27 11.25
CA ASN A 218 1.33 27.58 9.96
C ASN A 218 1.80 26.29 9.34
N ALA A 219 2.06 26.32 8.02
CA ALA A 219 2.57 25.18 7.27
C ALA A 219 3.49 25.73 6.19
N PRO A 220 4.58 25.02 5.82
CA PRO A 220 5.41 25.50 4.70
C PRO A 220 4.57 25.52 3.41
N ARG A 221 4.83 26.52 2.56
CA ARG A 221 4.24 26.61 1.22
C ARG A 221 4.90 25.48 0.38
N VAL A 222 4.11 24.80 -0.46
CA VAL A 222 4.65 23.75 -1.33
C VAL A 222 4.72 24.22 -2.78
N ARG A 223 5.93 24.27 -3.35
CA ARG A 223 6.10 24.64 -4.76
C ARG A 223 6.33 23.37 -5.56
N ILE A 224 5.66 23.25 -6.70
CA ILE A 224 5.80 22.10 -7.59
C ILE A 224 6.42 22.60 -8.93
N ASN A 225 7.49 21.93 -9.40
CA ASN A 225 8.16 22.33 -10.65
C ASN A 225 8.54 21.10 -11.47
N GLY A 226 9.21 21.31 -12.59
CA GLY A 226 9.57 20.22 -13.51
C GLY A 226 8.49 19.96 -14.53
N HIS A 227 8.18 18.67 -14.78
CA HIS A 227 7.17 18.25 -15.78
C HIS A 227 5.74 18.31 -15.20
N VAL A 228 5.30 19.53 -14.92
CA VAL A 228 4.03 19.84 -14.29
C VAL A 228 2.82 19.45 -15.16
N ALA A 229 2.98 19.32 -16.49
CA ALA A 229 1.92 18.95 -17.43
C ALA A 229 1.88 17.45 -17.76
N ALA A 230 2.77 16.65 -17.16
CA ALA A 230 2.80 15.20 -17.40
C ALA A 230 1.45 14.53 -17.06
N ARG A 231 1.00 13.62 -17.92
CA ARG A 231 -0.22 12.80 -17.78
C ARG A 231 0.09 11.49 -18.46
N PHE A 232 -0.23 10.37 -17.80
CA PHE A 232 0.05 9.04 -18.32
C PHE A 232 -0.78 7.99 -17.58
N PRO A 233 -0.92 6.76 -18.14
CA PRO A 233 -1.62 5.70 -17.39
C PRO A 233 -0.86 5.36 -16.13
N PHE A 234 -1.58 5.27 -15.00
CA PHE A 234 -0.97 4.97 -13.70
C PHE A 234 -2.05 4.55 -12.69
N ILE A 235 -1.64 3.90 -11.59
CA ILE A 235 -2.55 3.47 -10.52
C ILE A 235 -2.34 4.39 -9.29
N PRO A 236 -3.32 5.28 -8.97
CA PRO A 236 -3.14 6.21 -7.85
C PRO A 236 -3.10 5.61 -6.43
N MET A 237 -3.82 4.48 -6.20
CA MET A 237 -3.92 3.80 -4.89
C MET A 237 -2.62 3.85 -4.04
N PRO A 238 -1.45 3.32 -4.47
CA PRO A 238 -0.26 3.40 -3.57
C PRO A 238 0.27 4.83 -3.33
N LEU A 239 0.05 5.76 -4.30
CA LEU A 239 0.46 7.16 -4.16
C LEU A 239 -0.38 7.81 -3.08
N ASP A 240 -1.63 7.34 -2.89
CA ASP A 240 -2.55 7.81 -1.85
C ASP A 240 -2.03 7.46 -0.45
N TYR A 241 -1.17 6.42 -0.31
CA TYR A 241 -0.51 6.18 0.97
C TYR A 241 0.79 7.01 1.04
N ILE A 242 1.65 6.89 0.00
CA ILE A 242 3.01 7.44 -0.02
C ILE A 242 3.06 8.96 0.05
N LEU A 243 2.37 9.64 -0.85
CA LEU A 243 2.45 11.11 -0.91
C LEU A 243 2.07 11.82 0.41
N PRO A 244 0.92 11.56 1.08
CA PRO A 244 0.65 12.31 2.33
C PRO A 244 1.66 12.01 3.46
N GLU A 245 2.22 10.81 3.46
CA GLU A 245 3.23 10.40 4.43
C GLU A 245 4.55 11.20 4.26
N LEU A 246 5.03 11.32 3.03
CA LEU A 246 6.27 12.03 2.70
C LEU A 246 6.10 13.53 2.86
N LEU A 247 4.89 14.03 2.57
CA LEU A 247 4.54 15.44 2.74
C LEU A 247 4.50 15.79 4.23
N LYS A 248 3.90 14.91 5.04
CA LYS A 248 3.85 15.08 6.49
C LYS A 248 5.30 15.10 7.03
N ASN A 249 6.14 14.15 6.61
CA ASN A 249 7.55 14.10 7.03
C ASN A 249 8.29 15.39 6.75
N ALA A 250 8.18 15.92 5.51
CA ALA A 250 8.85 17.16 5.07
C ALA A 250 8.30 18.37 5.80
N MET A 251 6.96 18.45 5.98
CA MET A 251 6.35 19.58 6.66
C MET A 251 6.68 19.58 8.15
N ARG A 252 6.55 18.43 8.83
CA ARG A 252 6.89 18.27 10.25
C ARG A 252 8.35 18.65 10.49
N ALA A 253 9.31 18.10 9.68
CA ALA A 253 10.74 18.40 9.82
C ALA A 253 10.99 19.91 9.66
N THR A 254 10.31 20.56 8.69
CA THR A 254 10.46 22.01 8.48
C THR A 254 9.95 22.79 9.70
N MET A 255 8.75 22.44 10.23
CA MET A 255 8.20 23.17 11.38
C MET A 255 9.04 22.96 12.65
N GLU A 256 9.48 21.72 12.90
CA GLU A 256 10.28 21.37 14.10
C GLU A 256 11.64 22.05 14.12
N SER A 257 12.18 22.32 12.94
CA SER A 257 13.46 22.99 12.66
C SER A 257 13.38 24.51 12.75
N HIS A 258 12.17 25.07 12.68
CA HIS A 258 11.95 26.52 12.66
C HIS A 258 10.91 26.95 13.71
N LEU A 259 10.87 26.26 14.88
CA LEU A 259 9.95 26.57 15.97
C LEU A 259 10.10 27.98 16.53
N ASP A 260 11.32 28.55 16.42
N ASP A 260 11.32 28.55 16.43
CA ASP A 260 11.67 29.91 16.85
CA ASP A 260 11.65 29.91 16.86
C ASP A 260 11.08 30.99 15.93
C ASP A 260 11.05 30.99 15.93
N THR A 261 10.85 30.67 14.63
CA THR A 261 10.23 31.60 13.64
C THR A 261 9.08 30.80 12.97
N PRO A 262 7.98 30.40 13.69
CA PRO A 262 6.99 29.47 13.07
C PRO A 262 6.17 30.05 11.91
N TYR A 263 6.09 31.37 11.79
CA TYR A 263 5.34 32.02 10.71
C TYR A 263 6.24 32.45 9.54
N ASN A 264 7.53 32.09 9.60
CA ASN A 264 8.50 32.37 8.52
C ASN A 264 9.36 31.13 8.30
N VAL A 265 8.80 30.14 7.55
CA VAL A 265 9.50 28.87 7.33
C VAL A 265 9.82 28.67 5.83
N PRO A 266 10.91 27.95 5.49
CA PRO A 266 11.23 27.74 4.07
C PRO A 266 10.26 26.77 3.39
N ASP A 267 10.07 26.99 2.08
CA ASP A 267 9.18 26.20 1.23
C ASP A 267 9.66 24.77 1.10
N VAL A 268 8.73 23.86 0.87
CA VAL A 268 9.03 22.45 0.51
C VAL A 268 8.96 22.49 -1.04
N VAL A 269 9.96 21.96 -1.74
CA VAL A 269 10.00 22.05 -3.21
C VAL A 269 9.88 20.65 -3.80
N ILE A 270 8.86 20.45 -4.66
CA ILE A 270 8.61 19.14 -5.28
C ILE A 270 8.91 19.23 -6.77
N THR A 271 9.79 18.34 -7.25
CA THR A 271 10.14 18.26 -8.67
C THR A 271 9.58 17.01 -9.28
N ILE A 272 8.88 17.18 -10.41
CA ILE A 272 8.35 16.05 -11.19
C ILE A 272 9.27 15.84 -12.41
N ALA A 273 9.80 14.61 -12.57
CA ALA A 273 10.61 14.28 -13.75
C ALA A 273 9.96 13.09 -14.44
N ASN A 274 9.49 13.29 -15.68
CA ASN A 274 8.81 12.23 -16.42
C ASN A 274 9.61 11.82 -17.67
N ASN A 275 9.96 10.55 -17.76
CA ASN A 275 10.69 10.02 -18.92
C ASN A 275 9.99 8.72 -19.36
N ASP A 276 10.48 8.04 -20.40
CA ASP A 276 9.90 6.78 -20.92
C ASP A 276 9.90 5.62 -19.94
N VAL A 277 10.94 5.53 -19.08
CA VAL A 277 11.14 4.43 -18.14
C VAL A 277 10.37 4.65 -16.83
N ASP A 278 10.54 5.82 -16.19
CA ASP A 278 9.92 6.02 -14.89
C ASP A 278 9.42 7.43 -14.64
N LEU A 279 8.74 7.58 -13.51
CA LEU A 279 8.27 8.85 -12.99
C LEU A 279 9.10 9.10 -11.73
N ILE A 280 9.75 10.27 -11.64
CA ILE A 280 10.55 10.63 -10.46
C ILE A 280 9.86 11.81 -9.78
N ILE A 281 9.61 11.66 -8.48
CA ILE A 281 9.07 12.74 -7.65
C ILE A 281 10.10 12.98 -6.57
N ARG A 282 10.72 14.15 -6.61
CA ARG A 282 11.72 14.56 -5.63
C ARG A 282 11.06 15.56 -4.70
N ILE A 283 11.09 15.27 -3.38
CA ILE A 283 10.53 16.14 -2.35
C ILE A 283 11.72 16.68 -1.54
N SER A 284 12.01 17.99 -1.70
CA SER A 284 13.16 18.62 -1.04
C SER A 284 12.67 19.59 0.02
N ASP A 285 13.16 19.40 1.24
CA ASP A 285 12.79 20.27 2.33
C ASP A 285 14.04 20.92 2.91
N ARG A 286 13.84 21.95 3.75
CA ARG A 286 14.90 22.62 4.51
C ARG A 286 14.64 22.37 6.02
N GLY A 287 14.33 21.11 6.32
CA GLY A 287 14.00 20.65 7.66
C GLY A 287 15.12 20.21 8.57
N GLY A 288 16.37 20.53 8.22
CA GLY A 288 17.54 20.20 9.03
C GLY A 288 18.21 18.85 8.76
N GLY A 289 17.54 17.99 8.00
CA GLY A 289 18.06 16.67 7.65
C GLY A 289 17.74 15.57 8.64
N ILE A 290 18.12 14.35 8.27
CA ILE A 290 17.99 13.18 9.11
C ILE A 290 19.39 12.99 9.72
N ALA A 291 19.51 13.14 11.06
CA ALA A 291 20.78 13.05 11.81
C ALA A 291 21.57 11.78 11.50
N HIS A 292 22.90 11.90 11.46
CA HIS A 292 23.79 10.74 11.22
C HIS A 292 23.47 9.55 12.14
N LYS A 293 23.17 9.82 13.44
CA LYS A 293 22.82 8.78 14.43
C LYS A 293 21.53 8.02 14.11
N ASP A 294 20.55 8.68 13.44
CA ASP A 294 19.25 8.09 13.07
C ASP A 294 19.16 7.49 11.68
N LEU A 295 20.09 7.83 10.78
CA LEU A 295 20.06 7.44 9.36
C LEU A 295 19.89 5.94 9.09
N ASP A 296 20.57 5.07 9.85
CA ASP A 296 20.45 3.61 9.69
C ASP A 296 19.21 3.03 10.37
N ARG A 297 18.40 3.89 11.02
CA ARG A 297 17.20 3.48 11.75
C ARG A 297 15.87 3.94 11.15
N VAL A 298 15.86 5.03 10.35
CA VAL A 298 14.64 5.62 9.77
C VAL A 298 13.83 4.65 8.93
N MET A 299 14.52 3.66 8.29
CA MET A 299 13.88 2.64 7.47
C MET A 299 13.37 1.44 8.30
N ASP A 300 13.49 1.50 9.63
CA ASP A 300 12.95 0.42 10.48
C ASP A 300 11.54 0.75 10.88
N TYR A 301 10.68 -0.27 10.92
CA TYR A 301 9.31 -0.14 11.42
C TYR A 301 9.38 0.25 12.89
N HIS A 302 8.50 1.17 13.32
CA HIS A 302 8.38 1.73 14.67
C HIS A 302 9.45 2.79 15.00
N PHE A 303 10.51 2.99 14.17
CA PHE A 303 11.45 4.07 14.46
C PHE A 303 10.82 5.42 14.11
N THR A 304 10.71 6.31 15.10
CA THR A 304 10.14 7.66 14.99
C THR A 304 10.78 8.62 16.01
N THR A 305 10.79 9.92 15.71
CA THR A 305 11.27 10.95 16.65
C THR A 305 10.09 11.87 16.97
N ALA A 306 8.89 11.50 16.46
CA ALA A 306 7.63 12.24 16.62
C ALA A 306 6.88 11.76 17.86
N GLU A 307 6.29 12.71 18.61
CA GLU A 307 5.53 12.43 19.85
C GLU A 307 4.46 13.50 20.10
N SER A 330 -8.74 1.09 7.13
CA SER A 330 -7.50 1.46 7.81
C SER A 330 -6.25 1.04 7.01
N GLY A 331 -6.11 -0.27 6.78
CA GLY A 331 -5.01 -0.86 6.02
C GLY A 331 -3.60 -0.55 6.50
N PRO A 332 -2.70 -0.08 5.60
CA PRO A 332 -1.36 0.29 6.06
C PRO A 332 -1.52 1.52 6.98
N MET A 333 -0.82 1.51 8.11
CA MET A 333 -0.97 2.61 9.05
C MET A 333 0.02 3.76 8.84
N HIS A 334 -0.48 4.96 9.11
CA HIS A 334 0.26 6.21 9.11
C HIS A 334 0.58 6.47 10.59
N GLY A 335 1.79 6.95 10.85
CA GLY A 335 2.25 7.20 12.22
C GLY A 335 2.96 6.00 12.79
N PHE A 336 3.51 6.19 14.01
CA PHE A 336 4.23 5.16 14.77
C PHE A 336 5.44 4.55 14.01
N GLY A 337 6.13 5.35 13.19
CA GLY A 337 7.31 4.88 12.46
C GLY A 337 7.08 3.86 11.35
N PHE A 338 5.89 3.90 10.72
CA PHE A 338 5.56 3.00 9.62
C PHE A 338 5.72 3.68 8.25
N GLY A 339 5.69 5.00 8.25
CA GLY A 339 5.74 5.81 7.04
C GLY A 339 6.76 5.42 6.00
N LEU A 340 8.05 5.57 6.32
CA LEU A 340 9.16 5.29 5.41
C LEU A 340 9.29 3.82 5.02
N PRO A 341 9.34 2.84 5.96
CA PRO A 341 9.42 1.43 5.52
C PRO A 341 8.23 0.99 4.65
N THR A 342 7.00 1.44 4.96
CA THR A 342 5.82 1.09 4.15
C THR A 342 5.93 1.68 2.76
N SER A 343 6.28 2.99 2.67
CA SER A 343 6.41 3.68 1.38
C SER A 343 7.48 3.03 0.52
N ARG A 344 8.60 2.59 1.13
CA ARG A 344 9.66 1.93 0.38
C ARG A 344 9.20 0.54 -0.12
N ALA A 345 8.56 -0.27 0.77
CA ALA A 345 8.04 -1.61 0.39
C ALA A 345 7.06 -1.45 -0.79
N TYR A 346 6.19 -0.43 -0.74
CA TYR A 346 5.23 -0.09 -1.81
C TYR A 346 5.93 0.25 -3.13
N ALA A 347 6.88 1.24 -3.11
CA ALA A 347 7.63 1.69 -4.31
C ALA A 347 8.38 0.53 -4.97
N GLU A 348 9.07 -0.31 -4.18
CA GLU A 348 9.81 -1.47 -4.69
C GLU A 348 8.92 -2.55 -5.29
N TYR A 349 7.74 -2.78 -4.69
CA TYR A 349 6.75 -3.74 -5.18
C TYR A 349 6.20 -3.24 -6.53
N LEU A 350 6.15 -1.91 -6.76
CA LEU A 350 5.68 -1.37 -8.02
C LEU A 350 6.78 -1.18 -9.09
N GLY A 351 7.95 -1.76 -8.83
CA GLY A 351 9.08 -1.71 -9.75
C GLY A 351 9.93 -0.46 -9.67
N GLY A 352 9.75 0.32 -8.63
CA GLY A 352 10.51 1.55 -8.40
C GLY A 352 11.32 1.51 -7.13
N SER A 353 11.44 2.66 -6.46
CA SER A 353 12.28 2.78 -5.26
C SER A 353 11.95 4.02 -4.46
N LEU A 354 12.48 4.09 -3.24
CA LEU A 354 12.39 5.25 -2.35
C LEU A 354 13.76 5.46 -1.78
N GLN A 355 14.39 6.60 -2.16
CA GLN A 355 15.75 6.90 -1.75
C GLN A 355 15.84 8.23 -1.05
N LEU A 356 16.67 8.28 -0.04
CA LEU A 356 16.83 9.49 0.77
C LEU A 356 18.25 10.04 0.75
N GLN A 357 18.37 11.35 0.62
CA GLN A 357 19.65 12.04 0.67
C GLN A 357 19.55 13.06 1.79
N SER A 358 20.31 12.83 2.85
CA SER A 358 20.28 13.72 4.00
C SER A 358 21.42 14.75 3.97
N LEU A 359 21.08 16.03 4.11
CA LEU A 359 22.08 17.09 4.18
C LEU A 359 21.99 17.65 5.63
N GLN A 360 22.65 16.95 6.60
CA GLN A 360 22.60 17.28 8.03
C GLN A 360 22.96 18.74 8.28
N GLY A 361 22.04 19.47 8.92
CA GLY A 361 22.13 20.90 9.17
C GLY A 361 21.29 21.72 8.20
N ILE A 362 20.86 21.11 7.07
CA ILE A 362 20.10 21.85 6.06
C ILE A 362 18.72 21.25 5.77
N GLY A 363 18.67 20.03 5.27
CA GLY A 363 17.41 19.42 4.89
C GLY A 363 17.60 18.06 4.30
N THR A 364 16.55 17.55 3.67
CA THR A 364 16.51 16.20 3.09
C THR A 364 15.84 16.26 1.73
N ASP A 365 16.37 15.45 0.79
CA ASP A 365 15.75 15.22 -0.51
C ASP A 365 15.31 13.76 -0.51
N VAL A 366 14.01 13.58 -0.78
CA VAL A 366 13.38 12.26 -0.86
C VAL A 366 13.01 11.99 -2.31
N TYR A 367 13.53 10.89 -2.87
CA TYR A 367 13.27 10.51 -4.26
C TYR A 367 12.37 9.31 -4.35
N LEU A 368 11.16 9.55 -4.86
CA LEU A 368 10.19 8.46 -5.12
C LEU A 368 10.24 8.19 -6.62
N ARG A 369 10.57 6.94 -6.97
CA ARG A 369 10.64 6.52 -8.36
C ARG A 369 9.61 5.43 -8.60
N LEU A 370 8.81 5.60 -9.63
CA LEU A 370 7.82 4.57 -9.98
C LEU A 370 7.84 4.30 -11.47
N ARG A 371 7.95 3.02 -11.80
CA ARG A 371 8.02 2.49 -13.16
C ARG A 371 6.73 2.77 -13.94
N HIS A 372 6.87 3.17 -15.22
CA HIS A 372 5.71 3.38 -16.08
C HIS A 372 5.01 2.07 -16.40
N ILE A 373 3.70 2.14 -16.69
CA ILE A 373 2.84 1.00 -17.01
C ILE A 373 3.31 0.30 -18.32
N ASP A 374 3.71 1.06 -19.36
CA ASP A 374 4.12 0.45 -20.63
C ASP A 374 5.43 -0.34 -20.53
#